data_7RLX
#
_entry.id   7RLX
#
_cell.length_a   92.615
_cell.length_b   60.810
_cell.length_c   81.352
_cell.angle_alpha   90.000
_cell.angle_beta   101.573
_cell.angle_gamma   90.000
#
_symmetry.space_group_name_H-M   'C 1 2 1'
#
loop_
_entity.id
_entity.type
_entity.pdbx_description
1 polymer '2F2 Fab light chain'
2 polymer '2F2 Fab heavy chain'
3 polymer 'peptide from Circumsporozoite protein variant VK210'
4 water water
#
loop_
_entity_poly.entity_id
_entity_poly.type
_entity_poly.pdbx_seq_one_letter_code
_entity_poly.pdbx_strand_id
1 'polypeptide(L)'
;NSDIVMTQTPLSLSVTIGQPASISCKSSQSLLHSNGKTYLNWLQQRPGQAPKILMYLVSKLDPGIPDRFSGSGSETDFTL
KISRVEAEDLGVYYCLQGTYYPFTFGSGTKLEIKRTVAAPSVFIFPPSDEQLKSGTASVVCLLNNFYPREAKVQWKVDNA
LQSGNSQESVTEQDSKDSTYSLSSTLTLSKADYEKHKVYACEVTHQGLSSPVTKSFNRGEC
;
B
2 'polypeptide(L)'
;NSQLQQSGPELVKPGASVKISCKASGYSFTGYYMHWVKQSHVKSLEWIGRIDPYDGATSYNQNFKDKASLTVDKSSTTGF
MELHSLTSEDSAVYYCAREGHWDGDWYFDVWGAGTTVTVSSASTKGPSVFPLAPSSKSTSGGTAALGCLVKDYFPEPVTV
SWNSGALTSGVHTFPAVLQSSGLYSLSSVVTVPSSSLGTQTYICNVNHKPSNTKVDKKVEPKSC
;
A
3 'polypeptide(L)' GDRADGQPAGDRAAGQPA P
#
# COMPACT_ATOMS: atom_id res chain seq x y z
N ASP A 3 29.38 3.35 -1.09
CA ASP A 3 28.11 4.07 -1.13
C ASP A 3 27.96 4.91 0.15
N ILE A 4 27.28 6.08 0.05
CA ILE A 4 27.05 6.96 1.20
C ILE A 4 25.94 6.41 2.11
N VAL A 5 26.21 6.35 3.42
CA VAL A 5 25.21 5.91 4.39
C VAL A 5 24.35 7.09 4.85
N MET A 6 23.02 6.94 4.77
CA MET A 6 22.04 7.92 5.21
C MET A 6 21.30 7.34 6.42
N THR A 7 21.48 7.96 7.59
CA THR A 7 20.91 7.52 8.87
C THR A 7 19.84 8.53 9.30
N GLN A 8 18.58 8.08 9.46
CA GLN A 8 17.47 8.93 9.84
C GLN A 8 17.15 8.78 11.32
N THR A 9 16.74 9.89 11.96
CA THR A 9 16.21 9.73 13.33
C THR A 9 15.09 10.74 13.57
N PRO A 10 14.04 10.37 14.34
CA PRO A 10 13.74 9.05 14.92
C PRO A 10 13.34 8.07 13.80
N LEU A 11 13.15 6.80 14.09
CA LEU A 11 12.70 5.84 13.10
C LEU A 11 11.19 5.74 13.01
N SER A 12 10.48 6.17 14.06
CA SER A 12 9.06 6.42 13.98
C SER A 12 8.71 7.52 14.96
N LEU A 13 7.55 8.13 14.74
CA LEU A 13 7.06 9.09 15.72
C LEU A 13 5.58 9.32 15.47
N SER A 14 4.93 9.84 16.51
CA SER A 14 3.49 10.01 16.48
C SER A 14 3.19 11.42 16.98
N VAL A 15 2.54 12.23 16.13
CA VAL A 15 2.40 13.66 16.33
C VAL A 15 0.92 13.99 16.26
N THR A 16 0.42 14.70 17.27
CA THR A 16 -0.98 15.12 17.29
C THR A 16 -1.28 16.09 16.14
N ILE A 17 -2.46 15.92 15.49
CA ILE A 17 -2.91 16.90 14.50
C ILE A 17 -2.73 18.30 15.03
N GLY A 18 -2.18 19.20 14.21
CA GLY A 18 -1.98 20.58 14.59
C GLY A 18 -0.66 20.87 15.29
N GLN A 19 0.09 19.82 15.75
CA GLN A 19 1.37 19.99 16.43
C GLN A 19 2.53 19.87 15.43
N PRO A 20 3.73 20.34 15.80
CA PRO A 20 4.87 20.27 14.88
C PRO A 20 5.54 18.91 14.88
N ALA A 21 6.15 18.58 13.74
CA ALA A 21 6.95 17.36 13.62
C ALA A 21 8.32 17.71 13.07
N SER A 22 9.33 16.98 13.50
CA SER A 22 10.72 17.17 13.07
C SER A 22 11.40 15.81 12.88
N ILE A 23 12.03 15.62 11.71
CA ILE A 23 12.71 14.39 11.32
C ILE A 23 14.11 14.76 10.84
N SER A 24 15.13 14.08 11.34
CA SER A 24 16.49 14.39 10.91
C SER A 24 17.16 13.25 10.13
N CYS A 25 18.23 13.60 9.44
CA CYS A 25 18.98 12.72 8.59
C CYS A 25 20.44 13.12 8.75
N LYS A 26 21.33 12.12 8.83
CA LYS A 26 22.75 12.44 8.83
C LYS A 26 23.42 11.64 7.71
N SER A 27 24.28 12.28 6.95
CA SER A 27 25.03 11.59 5.92
C SER A 27 26.45 11.31 6.37
N SER A 28 27.00 10.15 5.96
CA SER A 28 28.36 9.79 6.39
C SER A 28 29.46 10.62 5.74
N GLN A 29 29.15 11.48 4.76
CA GLN A 29 30.13 12.42 4.18
C GLN A 29 29.42 13.66 3.69
N SER A 30 30.17 14.74 3.52
CA SER A 30 29.59 15.98 3.00
C SER A 30 28.88 15.75 1.68
N LEU A 31 27.62 16.19 1.61
CA LEU A 31 26.85 16.16 0.37
C LEU A 31 27.02 17.44 -0.48
N LEU A 32 27.88 18.38 -0.04
CA LEU A 32 28.21 19.58 -0.82
C LEU A 32 29.07 19.19 -2.02
N HIS A 33 28.47 19.25 -3.21
CA HIS A 33 29.17 19.00 -4.46
C HIS A 33 30.15 20.12 -4.79
N SER A 34 31.15 19.81 -5.62
CA SER A 34 32.05 20.84 -6.16
C SER A 34 31.33 22.06 -6.73
N ASN A 35 30.11 21.86 -7.29
CA ASN A 35 29.42 22.95 -7.99
C ASN A 35 28.61 23.85 -7.05
N GLY A 36 28.81 23.73 -5.72
CA GLY A 36 28.17 24.59 -4.74
C GLY A 36 26.80 24.14 -4.28
N LYS A 37 26.18 23.20 -4.99
CA LYS A 37 24.88 22.63 -4.67
C LYS A 37 25.04 21.45 -3.72
N THR A 38 24.01 21.26 -2.87
CA THR A 38 23.98 20.16 -1.91
C THR A 38 22.78 19.29 -2.25
N TYR A 39 23.03 18.09 -2.80
CA TYR A 39 21.94 17.30 -3.39
C TYR A 39 21.28 16.43 -2.33
N LEU A 40 20.50 17.07 -1.45
CA LEU A 40 19.79 16.32 -0.42
C LEU A 40 18.31 16.52 -0.59
N ASN A 41 17.57 15.42 -0.72
CA ASN A 41 16.17 15.39 -1.07
C ASN A 41 15.40 14.75 0.08
N TRP A 42 14.11 15.08 0.18
CA TRP A 42 13.19 14.47 1.13
C TRP A 42 11.98 13.98 0.37
N LEU A 43 11.55 12.76 0.67
CA LEU A 43 10.38 12.18 0.03
C LEU A 43 9.41 11.73 1.11
N GLN A 44 8.14 11.73 0.75
CA GLN A 44 7.07 11.15 1.57
C GLN A 44 6.43 9.99 0.80
N GLN A 45 6.17 8.88 1.48
CA GLN A 45 5.40 7.81 0.85
C GLN A 45 4.17 7.52 1.71
N ARG A 46 2.97 7.89 1.18
CA ARG A 46 1.73 7.52 1.85
C ARG A 46 1.38 6.06 1.57
N PRO A 47 0.70 5.38 2.49
CA PRO A 47 0.23 4.01 2.21
C PRO A 47 -0.44 3.91 0.86
N GLY A 48 -0.03 2.91 0.08
CA GLY A 48 -0.62 2.71 -1.24
C GLY A 48 -0.09 3.60 -2.34
N GLN A 49 0.87 4.47 -2.09
CA GLN A 49 1.30 5.36 -3.14
C GLN A 49 2.79 5.15 -3.39
N ALA A 50 3.27 5.72 -4.49
CA ALA A 50 4.69 5.85 -4.79
C ALA A 50 5.31 6.90 -3.85
N PRO A 51 6.63 6.84 -3.62
CA PRO A 51 7.29 7.96 -2.92
C PRO A 51 7.09 9.25 -3.71
N LYS A 52 7.14 10.40 -3.01
CA LYS A 52 7.03 11.69 -3.69
C LYS A 52 8.04 12.71 -3.14
N ILE A 53 8.69 13.45 -4.04
CA ILE A 53 9.70 14.41 -3.59
C ILE A 53 8.97 15.59 -2.95
N LEU A 54 9.31 15.91 -1.71
CA LEU A 54 8.84 17.10 -1.04
C LEU A 54 9.78 18.30 -1.25
N MET A 55 11.07 18.07 -1.02
CA MET A 55 12.11 19.08 -0.98
C MET A 55 13.34 18.55 -1.70
N TYR A 56 14.01 19.45 -2.41
CA TYR A 56 15.27 19.15 -3.05
C TYR A 56 16.24 20.25 -2.67
N LEU A 57 17.52 20.00 -2.90
CA LEU A 57 18.55 20.96 -2.57
C LEU A 57 18.39 21.47 -1.13
N VAL A 58 18.19 20.51 -0.21
CA VAL A 58 18.03 20.70 1.25
C VAL A 58 16.70 21.39 1.61
N SER A 59 16.34 22.47 0.91
CA SER A 59 15.30 23.39 1.39
C SER A 59 14.28 23.80 0.35
N LYS A 60 14.53 23.53 -0.91
CA LYS A 60 13.68 24.03 -1.98
C LYS A 60 12.43 23.18 -2.10
N LEU A 61 11.26 23.80 -1.89
CA LEU A 61 9.99 23.06 -1.91
C LEU A 61 9.56 22.76 -3.34
N ASP A 62 9.18 21.51 -3.60
CA ASP A 62 8.51 21.26 -4.88
C ASP A 62 7.29 22.18 -4.95
N PRO A 63 6.85 22.65 -6.12
CA PRO A 63 5.77 23.66 -6.13
C PRO A 63 4.40 23.10 -5.73
N GLY A 64 4.17 21.80 -5.82
CA GLY A 64 2.92 21.26 -5.33
C GLY A 64 2.88 20.94 -3.85
N ILE A 65 3.89 21.30 -3.08
CA ILE A 65 3.99 20.88 -1.67
C ILE A 65 3.58 22.04 -0.78
N PRO A 66 2.70 21.82 0.19
CA PRO A 66 2.24 22.95 1.03
C PRO A 66 3.38 23.51 1.86
N ASP A 67 3.26 24.79 2.21
CA ASP A 67 4.42 25.45 2.82
C ASP A 67 4.56 25.19 4.33
N ARG A 68 3.73 24.33 4.94
CA ARG A 68 4.06 23.93 6.30
C ARG A 68 5.29 23.03 6.34
N PHE A 69 5.76 22.55 5.18
CA PHE A 69 7.00 21.79 5.11
C PHE A 69 8.19 22.72 4.91
N SER A 70 9.27 22.46 5.62
CA SER A 70 10.51 23.19 5.38
C SER A 70 11.69 22.30 5.74
N GLY A 71 12.83 22.56 5.12
CA GLY A 71 14.03 21.78 5.42
C GLY A 71 15.20 22.69 5.74
N SER A 72 16.07 22.20 6.60
CA SER A 72 17.29 22.93 6.91
C SER A 72 18.44 21.93 6.97
N GLY A 73 19.64 22.42 7.24
CA GLY A 73 20.79 21.54 7.14
C GLY A 73 22.10 22.26 7.01
N SER A 74 23.15 21.50 7.32
CA SER A 74 24.55 21.84 7.04
C SER A 74 25.01 21.01 5.84
N GLU A 75 26.25 20.57 5.81
CA GLU A 75 26.71 19.67 4.74
C GLU A 75 26.46 18.18 5.04
N THR A 76 26.13 17.83 6.29
CA THR A 76 26.04 16.43 6.72
C THR A 76 24.82 16.11 7.57
N ASP A 77 24.19 17.10 8.22
CA ASP A 77 23.02 16.87 9.04
C ASP A 77 21.87 17.72 8.53
N PHE A 78 20.67 17.13 8.48
CA PHE A 78 19.54 17.79 7.84
C PHE A 78 18.28 17.56 8.66
N THR A 79 17.35 18.52 8.59
CA THR A 79 16.11 18.39 9.34
C THR A 79 14.95 18.77 8.43
N LEU A 80 13.95 17.89 8.38
CA LEU A 80 12.67 18.20 7.74
C LEU A 80 11.71 18.59 8.86
N LYS A 81 11.05 19.76 8.73
CA LYS A 81 10.06 20.20 9.71
C LYS A 81 8.70 20.39 9.05
N ILE A 82 7.66 19.92 9.72
CA ILE A 82 6.25 20.23 9.43
C ILE A 82 5.76 21.13 10.55
N SER A 83 5.34 22.36 10.22
CA SER A 83 5.02 23.27 11.31
C SER A 83 3.76 22.82 12.06
N ARG A 84 2.85 22.12 11.40
CA ARG A 84 1.56 21.74 12.00
C ARG A 84 1.10 20.57 11.15
N VAL A 85 1.13 19.35 11.70
CA VAL A 85 0.81 18.22 10.87
C VAL A 85 -0.70 18.17 10.59
N GLU A 86 -1.05 17.64 9.42
CA GLU A 86 -2.41 17.45 8.94
C GLU A 86 -2.56 15.96 8.66
N ALA A 87 -3.81 15.54 8.43
CA ALA A 87 -4.08 14.12 8.26
C ALA A 87 -3.27 13.55 7.10
N GLU A 88 -3.10 14.35 6.02
CA GLU A 88 -2.43 13.77 4.84
C GLU A 88 -0.90 13.67 4.98
N ASP A 89 -0.32 14.04 6.11
CA ASP A 89 1.12 13.96 6.30
C ASP A 89 1.56 12.58 6.75
N LEU A 90 0.61 11.67 6.97
CA LEU A 90 0.94 10.31 7.40
C LEU A 90 1.88 9.67 6.38
N GLY A 91 2.65 8.67 6.84
CA GLY A 91 3.35 7.77 5.94
C GLY A 91 4.82 7.66 6.32
N VAL A 92 5.67 7.28 5.36
CA VAL A 92 7.10 7.13 5.62
C VAL A 92 7.84 8.23 4.88
N TYR A 93 8.76 8.90 5.57
CA TYR A 93 9.58 10.00 5.10
C TYR A 93 10.99 9.47 4.87
N TYR A 94 11.58 9.79 3.71
CA TYR A 94 12.94 9.35 3.39
C TYR A 94 13.80 10.54 2.98
N CYS A 95 15.05 10.54 3.45
CA CYS A 95 16.04 11.39 2.82
C CYS A 95 16.73 10.60 1.72
N LEU A 96 17.28 11.34 0.75
CA LEU A 96 17.94 10.77 -0.43
C LEU A 96 19.06 11.71 -0.85
N GLN A 97 20.29 11.19 -1.00
CA GLN A 97 21.39 12.00 -1.52
C GLN A 97 21.65 11.69 -3.01
N GLY A 98 21.88 12.74 -3.77
CA GLY A 98 22.14 12.60 -5.19
C GLY A 98 23.49 13.21 -5.54
N THR A 99 24.30 13.47 -4.51
CA THR A 99 25.62 14.09 -4.68
C THR A 99 26.65 13.08 -5.18
N TYR A 100 26.64 11.86 -4.63
CA TYR A 100 27.68 10.87 -4.90
C TYR A 100 27.04 9.59 -5.43
N TYR A 101 27.66 9.04 -6.47
CA TYR A 101 27.18 7.79 -7.02
C TYR A 101 27.58 6.64 -6.10
N PRO A 102 26.65 5.74 -5.75
CA PRO A 102 25.28 5.78 -6.29
C PRO A 102 24.27 6.52 -5.40
N PHE A 103 23.14 6.99 -5.96
CA PHE A 103 22.01 7.46 -5.12
C PHE A 103 21.83 6.49 -3.97
N THR A 104 21.55 7.03 -2.78
CA THR A 104 21.24 6.20 -1.63
C THR A 104 20.16 6.89 -0.81
N PHE A 105 19.26 6.09 -0.24
CA PHE A 105 18.21 6.55 0.65
C PHE A 105 18.51 6.22 2.11
N GLY A 106 17.88 6.96 3.03
CA GLY A 106 17.85 6.52 4.43
C GLY A 106 16.83 5.40 4.63
N SER A 107 16.70 4.94 5.89
CA SER A 107 15.80 3.82 6.13
C SER A 107 14.36 4.22 6.24
N GLY A 108 14.04 5.48 6.40
CA GLY A 108 12.62 5.81 6.47
C GLY A 108 12.21 6.04 7.91
N THR A 109 11.32 7.03 8.10
CA THR A 109 10.76 7.37 9.40
C THR A 109 9.25 7.35 9.22
N LYS A 110 8.57 6.54 9.99
CA LYS A 110 7.12 6.35 9.83
C LYS A 110 6.44 7.35 10.76
N LEU A 111 5.62 8.22 10.20
CA LEU A 111 4.86 9.21 10.98
C LEU A 111 3.42 8.71 11.14
N GLU A 112 2.96 8.58 12.36
CA GLU A 112 1.53 8.35 12.63
C GLU A 112 0.90 9.67 13.06
N ILE A 113 -0.32 9.94 12.64
CA ILE A 113 -1.01 11.15 13.02
C ILE A 113 -1.89 10.81 14.21
N LYS A 114 -1.66 11.49 15.36
CA LYS A 114 -2.48 11.24 16.54
C LYS A 114 -3.73 12.10 16.42
N ARG A 115 -4.89 11.50 16.63
CA ARG A 115 -6.15 12.22 16.63
C ARG A 115 -6.93 11.83 17.88
N THR A 116 -8.15 12.37 18.02
CA THR A 116 -8.97 12.06 19.21
C THR A 116 -9.34 10.57 19.19
N VAL A 117 -9.48 9.99 20.41
CA VAL A 117 -9.98 8.62 20.55
C VAL A 117 -11.31 8.49 19.86
N ALA A 118 -11.46 7.41 19.07
CA ALA A 118 -12.70 7.10 18.39
C ALA A 118 -12.98 5.61 18.57
N ALA A 119 -14.20 5.26 19.04
CA ALA A 119 -14.50 3.84 19.22
C ALA A 119 -14.92 3.16 17.89
N PRO A 120 -14.61 1.88 17.70
CA PRO A 120 -15.01 1.22 16.44
C PRO A 120 -16.51 1.10 16.36
N SER A 121 -17.01 1.17 15.15
CA SER A 121 -18.36 0.71 14.83
C SER A 121 -18.20 -0.75 14.43
N VAL A 122 -18.99 -1.62 15.03
CA VAL A 122 -18.80 -3.06 14.86
C VAL A 122 -19.92 -3.67 14.04
N PHE A 123 -19.55 -4.53 13.08
CA PHE A 123 -20.47 -5.22 12.17
C PHE A 123 -20.09 -6.70 12.06
N ILE A 124 -21.08 -7.57 11.91
CA ILE A 124 -20.77 -9.00 11.73
C ILE A 124 -21.49 -9.54 10.49
N PHE A 125 -20.82 -10.45 9.77
CA PHE A 125 -21.37 -11.03 8.53
C PHE A 125 -21.35 -12.55 8.63
N PRO A 126 -22.51 -13.20 8.61
CA PRO A 126 -22.56 -14.67 8.43
C PRO A 126 -21.92 -15.08 7.12
N PRO A 127 -21.57 -16.35 6.92
CA PRO A 127 -21.15 -16.81 5.59
C PRO A 127 -22.27 -16.70 4.54
N SER A 128 -21.85 -16.49 3.29
CA SER A 128 -22.80 -16.52 2.20
C SER A 128 -23.24 -17.93 1.92
N ASP A 129 -24.45 -18.05 1.36
CA ASP A 129 -24.93 -19.35 0.88
C ASP A 129 -24.01 -19.93 -0.18
N GLU A 130 -23.45 -19.06 -1.03
CA GLU A 130 -22.49 -19.49 -2.04
C GLU A 130 -21.31 -20.20 -1.39
N GLN A 131 -20.70 -19.59 -0.38
CA GLN A 131 -19.53 -20.23 0.24
C GLN A 131 -19.91 -21.52 0.95
N LEU A 132 -20.98 -21.49 1.74
CA LEU A 132 -21.49 -22.71 2.36
C LEU A 132 -21.62 -23.86 1.38
N LYS A 133 -22.20 -23.61 0.20
CA LYS A 133 -22.31 -24.68 -0.79
C LYS A 133 -20.97 -25.35 -1.02
N SER A 134 -19.90 -24.56 -1.09
CA SER A 134 -18.61 -25.15 -1.39
C SER A 134 -17.97 -25.89 -0.21
N GLY A 135 -18.55 -25.85 1.00
CA GLY A 135 -18.05 -26.64 2.12
C GLY A 135 -17.36 -25.91 3.28
N THR A 136 -17.24 -24.58 3.27
CA THR A 136 -16.59 -23.88 4.35
C THR A 136 -17.45 -22.69 4.74
N ALA A 137 -17.20 -22.20 5.94
CA ALA A 137 -17.91 -21.03 6.49
C ALA A 137 -16.91 -20.06 7.04
N SER A 138 -16.82 -18.87 6.42
CA SER A 138 -16.12 -17.74 7.00
C SER A 138 -17.11 -16.75 7.61
N VAL A 139 -16.90 -16.42 8.88
CA VAL A 139 -17.68 -15.39 9.61
C VAL A 139 -16.76 -14.19 9.75
N VAL A 140 -17.22 -13.01 9.34
CA VAL A 140 -16.37 -11.83 9.38
C VAL A 140 -16.93 -10.82 10.37
N CYS A 141 -16.07 -10.32 11.24
CA CYS A 141 -16.36 -9.25 12.18
C CYS A 141 -15.59 -8.03 11.72
N LEU A 142 -16.26 -6.91 11.63
CA LEU A 142 -15.64 -5.71 11.08
C LEU A 142 -15.66 -4.63 12.16
N LEU A 143 -14.51 -4.01 12.41
CA LEU A 143 -14.39 -2.88 13.34
C LEU A 143 -13.99 -1.70 12.47
N ASN A 144 -14.84 -0.70 12.37
CA ASN A 144 -14.63 0.36 11.39
C ASN A 144 -14.24 1.68 12.05
N ASN A 145 -13.25 2.37 11.48
CA ASN A 145 -12.89 3.77 11.79
C ASN A 145 -12.73 4.05 13.30
N PHE A 146 -11.69 3.46 13.90
CA PHE A 146 -11.38 3.68 15.29
C PHE A 146 -9.96 4.21 15.45
N TYR A 147 -9.71 4.76 16.64
CA TYR A 147 -8.37 5.31 17.01
C TYR A 147 -8.20 5.28 18.54
N PRO A 148 -7.06 4.87 19.08
CA PRO A 148 -5.87 4.36 18.38
C PRO A 148 -6.02 2.91 17.89
N ARG A 149 -4.95 2.33 17.30
CA ARG A 149 -5.19 1.12 16.51
C ARG A 149 -5.36 -0.14 17.34
N GLU A 150 -4.93 -0.13 18.59
CA GLU A 150 -5.01 -1.35 19.40
C GLU A 150 -6.47 -1.69 19.69
N ALA A 151 -6.84 -2.90 19.37
CA ALA A 151 -8.18 -3.39 19.64
C ALA A 151 -8.06 -4.90 19.86
N LYS A 152 -8.98 -5.46 20.65
CA LYS A 152 -8.99 -6.90 20.91
C LYS A 152 -10.32 -7.48 20.44
N VAL A 153 -10.26 -8.55 19.64
CA VAL A 153 -11.47 -9.21 19.13
C VAL A 153 -11.45 -10.64 19.66
N GLN A 154 -12.56 -11.07 20.24
CA GLN A 154 -12.72 -12.45 20.66
C GLN A 154 -13.98 -13.02 20.03
N TRP A 155 -13.87 -14.28 19.60
CA TRP A 155 -14.98 -14.99 18.99
C TRP A 155 -15.58 -15.94 20.02
N LYS A 156 -16.90 -15.95 20.11
CA LYS A 156 -17.59 -16.85 21.02
C LYS A 156 -18.67 -17.54 20.24
N VAL A 157 -18.75 -18.86 20.36
CA VAL A 157 -19.68 -19.65 19.56
C VAL A 157 -20.52 -20.43 20.56
N ASP A 158 -21.82 -20.15 20.58
CA ASP A 158 -22.69 -20.67 21.63
C ASP A 158 -22.12 -20.30 22.99
N ASN A 159 -21.53 -19.11 23.05
CA ASN A 159 -20.93 -18.52 24.25
C ASN A 159 -19.68 -19.27 24.74
N ALA A 160 -19.03 -20.06 23.90
CA ALA A 160 -17.74 -20.65 24.25
C ALA A 160 -16.64 -19.88 23.53
N LEU A 161 -15.58 -19.48 24.25
CA LEU A 161 -14.50 -18.71 23.63
C LEU A 161 -13.74 -19.58 22.62
N GLN A 162 -13.51 -19.04 21.43
CA GLN A 162 -12.75 -19.79 20.42
C GLN A 162 -11.28 -19.43 20.47
N SER A 163 -10.43 -20.40 20.11
CA SER A 163 -9.03 -20.09 19.80
C SER A 163 -8.52 -20.95 18.66
N GLY A 164 -7.65 -20.36 17.86
CA GLY A 164 -6.96 -21.09 16.83
C GLY A 164 -7.63 -21.13 15.48
N ASN A 165 -8.84 -20.55 15.33
CA ASN A 165 -9.56 -20.67 14.07
C ASN A 165 -9.92 -19.30 13.50
N SER A 166 -9.13 -18.27 13.82
CA SER A 166 -9.40 -16.96 13.24
C SER A 166 -8.10 -16.27 12.86
N GLN A 167 -8.27 -15.25 11.99
CA GLN A 167 -7.21 -14.39 11.52
C GLN A 167 -7.72 -12.95 11.48
N GLU A 168 -6.84 -12.00 11.75
CA GLU A 168 -7.24 -10.60 11.67
C GLU A 168 -6.24 -9.77 10.87
N SER A 169 -6.69 -8.64 10.34
CA SER A 169 -5.71 -7.66 9.87
C SER A 169 -6.29 -6.26 9.98
N VAL A 170 -5.39 -5.30 10.13
CA VAL A 170 -5.71 -3.92 10.43
C VAL A 170 -5.23 -3.16 9.22
N THR A 171 -6.02 -2.16 8.79
CA THR A 171 -5.63 -1.29 7.70
C THR A 171 -4.43 -0.41 8.07
N GLU A 172 -3.77 0.12 7.04
CA GLU A 172 -3.00 1.34 7.19
C GLU A 172 -3.86 2.45 7.77
N GLN A 173 -3.19 3.50 8.25
CA GLN A 173 -3.93 4.63 8.82
C GLN A 173 -4.60 5.38 7.68
N ASP A 174 -5.78 5.92 7.94
CA ASP A 174 -6.58 6.57 6.88
C ASP A 174 -6.02 7.96 6.62
N SER A 175 -5.89 8.33 5.34
CA SER A 175 -5.20 9.59 5.05
C SER A 175 -6.09 10.83 5.19
N LYS A 176 -7.38 10.64 5.45
CA LYS A 176 -8.38 11.71 5.61
C LYS A 176 -8.83 11.86 7.05
N ASP A 177 -9.25 10.79 7.71
CA ASP A 177 -9.74 10.91 9.08
C ASP A 177 -8.77 10.35 10.13
N SER A 178 -7.66 9.71 9.72
CA SER A 178 -6.59 9.29 10.62
C SER A 178 -7.01 8.07 11.47
N THR A 179 -8.03 7.34 11.04
CA THR A 179 -8.48 6.19 11.83
C THR A 179 -7.87 4.92 11.23
N TYR A 180 -8.17 3.79 11.89
CA TYR A 180 -7.83 2.46 11.40
C TYR A 180 -9.13 1.65 11.29
N SER A 181 -9.12 0.56 10.50
CA SER A 181 -10.19 -0.43 10.55
C SER A 181 -9.54 -1.80 10.65
N LEU A 182 -10.34 -2.78 11.11
CA LEU A 182 -9.77 -4.09 11.37
C LEU A 182 -10.82 -5.13 11.02
N SER A 183 -10.41 -6.23 10.35
CA SER A 183 -11.36 -7.30 10.27
C SER A 183 -10.79 -8.55 10.94
N SER A 184 -11.70 -9.38 11.46
CA SER A 184 -11.37 -10.67 12.03
C SER A 184 -12.30 -11.69 11.44
N THR A 185 -11.74 -12.78 10.91
CA THR A 185 -12.50 -13.77 10.16
C THR A 185 -12.36 -15.08 10.89
N LEU A 186 -13.49 -15.66 11.28
CA LEU A 186 -13.55 -17.02 11.83
C LEU A 186 -13.90 -18.01 10.72
N THR A 187 -13.08 -19.05 10.55
CA THR A 187 -13.29 -20.00 9.47
C THR A 187 -13.49 -21.40 10.04
N LEU A 188 -14.63 -21.98 9.74
CA LEU A 188 -14.97 -23.35 10.12
C LEU A 188 -15.30 -24.13 8.86
N SER A 189 -15.24 -25.46 8.95
CA SER A 189 -15.89 -26.29 7.97
C SER A 189 -17.39 -26.04 7.98
N LYS A 190 -18.05 -26.42 6.89
CA LYS A 190 -19.50 -26.32 6.85
C LYS A 190 -20.12 -27.21 7.94
N ALA A 191 -19.54 -28.40 8.15
CA ALA A 191 -20.05 -29.31 9.18
C ALA A 191 -19.99 -28.66 10.55
N ASP A 192 -18.84 -28.10 10.92
CA ASP A 192 -18.71 -27.51 12.25
C ASP A 192 -19.58 -26.27 12.39
N TYR A 193 -19.72 -25.51 11.30
CA TYR A 193 -20.58 -24.34 11.32
C TYR A 193 -22.01 -24.72 11.72
N GLU A 194 -22.50 -25.82 11.16
CA GLU A 194 -23.88 -26.24 11.31
C GLU A 194 -24.12 -27.00 12.60
N LYS A 195 -23.09 -27.16 13.41
CA LYS A 195 -23.20 -27.75 14.74
C LYS A 195 -23.56 -26.71 15.79
N HIS A 196 -23.65 -25.44 15.44
CA HIS A 196 -23.75 -24.38 16.45
C HIS A 196 -24.76 -23.33 16.03
N LYS A 197 -25.27 -22.59 17.01
CA LYS A 197 -26.34 -21.66 16.75
C LYS A 197 -25.88 -20.21 16.78
N VAL A 198 -25.27 -19.77 17.89
CA VAL A 198 -24.96 -18.37 18.12
C VAL A 198 -23.50 -18.09 17.80
N TYR A 199 -23.24 -17.13 16.90
CA TYR A 199 -21.90 -16.72 16.49
C TYR A 199 -21.71 -15.28 16.89
N ALA A 200 -20.68 -14.99 17.67
CA ALA A 200 -20.53 -13.62 18.20
C ALA A 200 -19.08 -13.16 18.17
N CYS A 201 -18.87 -11.86 17.86
CA CYS A 201 -17.57 -11.26 18.15
C CYS A 201 -17.72 -10.20 19.21
N GLU A 202 -16.76 -10.20 20.10
CA GLU A 202 -16.74 -9.33 21.26
C GLU A 202 -15.50 -8.44 21.13
N VAL A 203 -15.73 -7.14 21.10
CA VAL A 203 -14.72 -6.12 20.78
C VAL A 203 -14.40 -5.23 22.00
N THR A 204 -13.12 -5.12 22.31
CA THR A 204 -12.57 -4.26 23.35
C THR A 204 -11.75 -3.19 22.65
N HIS A 205 -11.80 -1.96 23.18
CA HIS A 205 -11.13 -0.77 22.63
C HIS A 205 -11.21 0.35 23.66
N GLN A 206 -10.15 1.17 23.73
CA GLN A 206 -10.10 2.12 24.83
C GLN A 206 -11.20 3.16 24.74
N GLY A 207 -11.84 3.34 23.56
CA GLY A 207 -13.00 4.20 23.36
C GLY A 207 -14.32 3.60 23.79
N LEU A 208 -14.29 2.36 24.28
CA LEU A 208 -15.43 1.62 24.81
C LEU A 208 -15.22 1.38 26.29
N SER A 209 -16.25 1.58 27.11
CA SER A 209 -16.10 1.36 28.52
C SER A 209 -16.37 -0.10 28.94
N SER A 210 -17.06 -0.89 28.12
CA SER A 210 -17.15 -2.33 28.28
C SER A 210 -17.08 -2.99 26.89
N PRO A 211 -16.83 -4.30 26.83
CA PRO A 211 -16.78 -4.93 25.50
C PRO A 211 -18.11 -4.82 24.77
N VAL A 212 -18.03 -4.73 23.46
CA VAL A 212 -19.19 -4.64 22.58
C VAL A 212 -19.31 -5.93 21.78
N THR A 213 -20.52 -6.48 21.73
CA THR A 213 -20.81 -7.78 21.16
C THR A 213 -21.81 -7.62 20.02
N LYS A 214 -21.47 -8.20 18.87
CA LYS A 214 -22.32 -8.29 17.69
C LYS A 214 -22.41 -9.79 17.36
N SER A 215 -23.63 -10.29 17.20
CA SER A 215 -23.90 -11.71 17.06
C SER A 215 -25.05 -11.93 16.10
N PHE A 216 -25.16 -13.15 15.59
CA PHE A 216 -26.33 -13.59 14.84
C PHE A 216 -26.60 -15.05 15.20
N ASN A 217 -27.82 -15.48 14.91
CA ASN A 217 -28.18 -16.89 15.01
C ASN A 217 -28.10 -17.52 13.63
N ARG A 218 -27.47 -18.68 13.54
CA ARG A 218 -27.30 -19.35 12.27
C ARG A 218 -28.65 -19.61 11.61
N GLY A 219 -28.77 -19.19 10.36
CA GLY A 219 -30.01 -19.37 9.63
C GLY A 219 -31.15 -18.47 10.07
N GLU A 220 -30.93 -17.15 10.10
CA GLU A 220 -32.04 -16.21 10.22
C GLU A 220 -32.00 -15.08 9.19
N GLN B 3 2.26 11.03 -17.31
CA GLN B 3 2.46 10.04 -16.29
C GLN B 3 3.28 8.83 -16.79
N LEU B 4 3.54 7.89 -15.87
CA LEU B 4 4.20 6.61 -16.12
C LEU B 4 3.30 5.44 -15.74
N GLN B 5 3.17 4.46 -16.64
CA GLN B 5 2.28 3.32 -16.44
C GLN B 5 3.09 2.04 -16.44
N GLN B 6 3.22 1.41 -15.27
CA GLN B 6 3.99 0.17 -15.22
C GLN B 6 3.12 -1.03 -15.55
N SER B 7 3.79 -2.13 -15.89
CA SER B 7 3.13 -3.38 -16.17
C SER B 7 2.64 -4.01 -14.86
N GLY B 8 1.75 -5.01 -14.98
CA GLY B 8 1.13 -5.59 -13.81
C GLY B 8 2.10 -6.50 -13.02
N PRO B 9 1.59 -7.08 -11.93
CA PRO B 9 2.45 -7.91 -11.07
C PRO B 9 2.82 -9.25 -11.73
N GLU B 10 3.87 -9.87 -11.17
CA GLU B 10 4.51 -11.03 -11.81
C GLU B 10 4.78 -12.12 -10.77
N LEU B 11 4.48 -13.36 -11.14
CA LEU B 11 5.00 -14.51 -10.43
C LEU B 11 6.18 -14.99 -11.27
N VAL B 12 7.29 -15.30 -10.64
CA VAL B 12 8.47 -15.76 -11.38
C VAL B 12 9.06 -16.94 -10.63
N LYS B 13 9.37 -18.02 -11.36
CA LYS B 13 10.05 -19.17 -10.77
C LYS B 13 11.47 -18.77 -10.41
N PRO B 14 12.04 -19.38 -9.37
CA PRO B 14 13.43 -19.06 -9.00
C PRO B 14 14.39 -19.55 -10.07
N GLY B 15 15.41 -18.73 -10.31
CA GLY B 15 16.30 -18.94 -11.42
C GLY B 15 15.84 -18.32 -12.72
N ALA B 16 14.54 -18.05 -12.87
CA ALA B 16 14.06 -17.47 -14.11
C ALA B 16 14.21 -15.95 -14.11
N SER B 17 13.91 -15.36 -15.26
CA SER B 17 13.95 -13.93 -15.46
C SER B 17 12.58 -13.39 -15.83
N VAL B 18 12.43 -12.06 -15.70
CA VAL B 18 11.21 -11.38 -16.09
C VAL B 18 11.59 -9.98 -16.55
N LYS B 19 10.79 -9.45 -17.49
CA LYS B 19 10.98 -8.11 -18.05
C LYS B 19 9.71 -7.31 -17.76
N ILE B 20 9.86 -6.21 -17.02
CA ILE B 20 8.75 -5.32 -16.66
C ILE B 20 8.88 -4.00 -17.42
N SER B 21 7.76 -3.30 -17.59
CA SER B 21 7.79 -2.17 -18.50
C SER B 21 7.13 -0.96 -17.86
N CYS B 22 7.37 0.18 -18.50
CA CYS B 22 7.01 1.47 -17.93
C CYS B 22 6.76 2.40 -19.11
N LYS B 23 5.48 2.52 -19.49
CA LYS B 23 5.02 3.30 -20.64
C LYS B 23 4.86 4.77 -20.23
N ALA B 24 5.61 5.64 -20.91
CA ALA B 24 5.58 7.07 -20.64
C ALA B 24 4.58 7.75 -21.56
N SER B 25 3.82 8.70 -21.02
CA SER B 25 2.93 9.52 -21.82
C SER B 25 2.95 10.97 -21.34
N GLY B 26 2.74 11.89 -22.28
CA GLY B 26 2.48 13.28 -21.98
C GLY B 26 3.71 14.16 -21.84
N TYR B 27 4.90 13.64 -22.09
CA TYR B 27 6.12 14.45 -22.08
C TYR B 27 7.04 13.89 -23.14
N SER B 28 8.14 14.61 -23.41
CA SER B 28 9.04 14.17 -24.47
C SER B 28 9.95 13.06 -23.92
N PHE B 29 9.70 11.83 -24.37
CA PHE B 29 10.36 10.65 -23.81
C PHE B 29 11.89 10.82 -23.75
N THR B 30 12.53 11.18 -24.86
CA THR B 30 13.98 11.24 -24.89
C THR B 30 14.57 12.48 -24.21
N GLY B 31 13.72 13.27 -23.55
CA GLY B 31 14.20 14.43 -22.83
C GLY B 31 14.67 14.21 -21.40
N TYR B 32 14.37 13.07 -20.79
CA TYR B 32 14.59 12.91 -19.34
C TYR B 32 15.09 11.49 -19.05
N TYR B 33 15.96 11.36 -18.03
CA TYR B 33 16.34 10.03 -17.56
C TYR B 33 15.15 9.26 -16.99
N MET B 34 15.12 7.97 -17.26
CA MET B 34 14.20 7.06 -16.59
C MET B 34 15.01 6.19 -15.64
N HIS B 35 14.69 6.26 -14.35
CA HIS B 35 15.35 5.49 -13.29
C HIS B 35 14.41 4.42 -12.72
N TRP B 36 15.02 3.43 -12.03
CA TRP B 36 14.30 2.30 -11.48
C TRP B 36 14.75 2.09 -10.05
N VAL B 37 13.78 1.84 -9.15
CA VAL B 37 13.99 1.84 -7.71
C VAL B 37 13.35 0.58 -7.11
N LYS B 38 14.07 -0.15 -6.26
CA LYS B 38 13.51 -1.35 -5.64
C LYS B 38 13.06 -0.98 -4.24
N GLN B 39 11.83 -1.37 -3.88
CA GLN B 39 11.31 -1.22 -2.53
C GLN B 39 11.06 -2.61 -1.97
N SER B 40 11.90 -3.01 -1.02
CA SER B 40 11.84 -4.30 -0.38
C SER B 40 10.74 -4.28 0.63
N HIS B 41 10.28 -5.46 1.03
CA HIS B 41 9.14 -5.53 1.91
C HIS B 41 9.39 -4.88 3.26
N VAL B 42 10.64 -4.68 3.67
CA VAL B 42 10.86 -3.95 4.93
C VAL B 42 10.79 -2.43 4.68
N LYS B 43 10.43 -2.02 3.44
CA LYS B 43 10.25 -0.64 2.95
C LYS B 43 11.56 0.13 2.72
N SER B 44 12.71 -0.56 2.64
CA SER B 44 13.97 0.06 2.24
C SER B 44 13.94 0.39 0.76
N LEU B 45 14.31 1.63 0.39
CA LEU B 45 14.45 2.03 -1.02
C LEU B 45 15.92 1.99 -1.45
N GLU B 46 16.17 1.41 -2.63
CA GLU B 46 17.48 1.41 -3.26
C GLU B 46 17.36 1.73 -4.74
N TRP B 47 18.21 2.63 -5.17
CA TRP B 47 18.31 3.03 -6.56
C TRP B 47 19.00 1.94 -7.37
N ILE B 48 18.35 1.49 -8.45
CA ILE B 48 18.89 0.42 -9.30
C ILE B 48 19.76 0.99 -10.40
N GLY B 49 19.33 2.05 -11.06
CA GLY B 49 20.04 2.56 -12.21
C GLY B 49 19.14 3.46 -13.02
N ARG B 50 19.71 3.99 -14.11
CA ARG B 50 18.97 4.92 -14.96
C ARG B 50 19.35 4.67 -16.40
N ILE B 51 18.45 5.07 -17.32
CA ILE B 51 18.71 5.00 -18.76
C ILE B 51 18.32 6.33 -19.40
N ASP B 52 19.14 6.75 -20.38
CA ASP B 52 18.94 7.89 -21.26
C ASP B 52 18.16 7.37 -22.45
N PRO B 53 16.84 7.61 -22.50
CA PRO B 53 16.04 7.06 -23.62
C PRO B 53 16.47 7.58 -24.99
N TYR B 54 17.32 8.62 -25.06
CA TYR B 54 17.69 9.16 -26.37
C TYR B 54 18.61 8.19 -27.11
N ASP B 55 19.62 7.68 -26.41
CA ASP B 55 20.68 6.87 -27.02
C ASP B 55 20.80 5.51 -26.36
N GLY B 56 19.95 5.20 -25.38
CA GLY B 56 19.98 3.92 -24.71
C GLY B 56 21.07 3.75 -23.69
N ALA B 57 21.83 4.81 -23.38
CA ALA B 57 22.92 4.71 -22.41
C ALA B 57 22.39 4.45 -21.00
N THR B 58 22.98 3.46 -20.34
CA THR B 58 22.60 2.97 -19.02
C THR B 58 23.69 3.31 -18.00
N SER B 59 23.27 3.58 -16.76
CA SER B 59 24.17 3.66 -15.60
C SER B 59 23.53 2.90 -14.43
N TYR B 60 24.29 1.97 -13.83
CA TYR B 60 23.76 0.99 -12.89
C TYR B 60 24.38 1.14 -11.51
N ASN B 61 23.55 0.98 -10.46
CA ASN B 61 24.06 0.70 -9.11
C ASN B 61 24.87 -0.59 -9.14
N GLN B 62 26.09 -0.55 -8.59
CA GLN B 62 26.99 -1.70 -8.72
C GLN B 62 26.37 -2.99 -8.18
N ASN B 63 25.46 -2.89 -7.21
CA ASN B 63 24.82 -4.08 -6.63
C ASN B 63 23.83 -4.75 -7.57
N PHE B 64 23.38 -4.04 -8.59
CA PHE B 64 22.43 -4.58 -9.55
C PHE B 64 23.05 -4.83 -10.93
N LYS B 65 24.38 -4.79 -11.06
CA LYS B 65 25.05 -4.98 -12.35
C LYS B 65 24.66 -6.29 -13.02
N ASP B 66 24.86 -7.41 -12.33
CA ASP B 66 24.47 -8.69 -12.90
C ASP B 66 22.96 -8.91 -12.83
N LYS B 67 22.24 -8.07 -12.11
CA LYS B 67 20.85 -8.36 -11.78
C LYS B 67 19.82 -7.69 -12.70
N ALA B 68 20.11 -6.50 -13.23
CA ALA B 68 19.14 -5.72 -13.99
C ALA B 68 19.75 -5.24 -15.29
N SER B 69 18.92 -5.14 -16.33
CA SER B 69 19.34 -4.49 -17.56
C SER B 69 18.22 -3.62 -18.09
N LEU B 70 18.57 -2.37 -18.39
CA LEU B 70 17.60 -1.36 -18.77
C LEU B 70 17.60 -1.20 -20.29
N THR B 71 16.43 -1.33 -20.92
CA THR B 71 16.30 -0.98 -22.33
C THR B 71 15.12 -0.05 -22.53
N VAL B 72 15.03 0.50 -23.74
CA VAL B 72 13.99 1.49 -24.05
C VAL B 72 13.53 1.22 -25.46
N ASP B 73 12.23 1.44 -25.75
CA ASP B 73 11.72 1.42 -27.13
C ASP B 73 11.20 2.80 -27.52
N LYS B 74 12.00 3.55 -28.27
CA LYS B 74 11.64 4.92 -28.64
C LYS B 74 10.25 4.96 -29.28
N SER B 75 9.98 4.06 -30.25
CA SER B 75 8.76 4.13 -31.05
C SER B 75 7.50 3.87 -30.22
N SER B 76 7.62 3.25 -29.04
CA SER B 76 6.49 3.04 -28.14
C SER B 76 6.62 3.80 -26.81
N THR B 77 7.52 4.79 -26.77
CA THR B 77 7.92 5.55 -25.57
C THR B 77 7.74 4.76 -24.28
N THR B 78 8.37 3.58 -24.24
CA THR B 78 8.28 2.64 -23.13
C THR B 78 9.68 2.21 -22.72
N GLY B 79 9.91 2.18 -21.41
CA GLY B 79 11.16 1.71 -20.85
C GLY B 79 10.96 0.35 -20.21
N PHE B 80 12.02 -0.43 -20.19
CA PHE B 80 11.97 -1.81 -19.74
C PHE B 80 13.11 -2.06 -18.76
N MET B 81 12.81 -2.82 -17.72
CA MET B 81 13.83 -3.43 -16.87
C MET B 81 13.64 -4.94 -16.90
N GLU B 82 14.69 -5.66 -17.25
CA GLU B 82 14.73 -7.09 -17.13
C GLU B 82 15.54 -7.45 -15.89
N LEU B 83 14.99 -8.30 -15.05
CA LEU B 83 15.70 -8.79 -13.86
C LEU B 83 16.05 -10.26 -14.07
N HIS B 84 17.31 -10.64 -13.80
CA HIS B 84 17.85 -11.93 -14.23
C HIS B 84 18.08 -12.88 -13.06
N SER B 85 17.85 -14.18 -13.31
CA SER B 85 18.22 -15.26 -12.39
C SER B 85 17.73 -14.99 -10.97
N LEU B 86 16.40 -14.91 -10.83
CA LEU B 86 15.81 -14.34 -9.62
C LEU B 86 15.89 -15.30 -8.40
N THR B 87 16.07 -14.73 -7.21
CA THR B 87 16.09 -15.46 -5.95
C THR B 87 15.07 -14.84 -5.00
N SER B 88 14.98 -15.40 -3.79
CA SER B 88 14.03 -14.88 -2.80
C SER B 88 14.27 -13.39 -2.53
N GLU B 89 15.52 -12.96 -2.55
CA GLU B 89 15.83 -11.56 -2.29
C GLU B 89 15.32 -10.62 -3.39
N ASP B 90 14.84 -11.12 -4.54
CA ASP B 90 14.36 -10.21 -5.59
C ASP B 90 12.86 -9.98 -5.54
N SER B 91 12.11 -10.72 -4.70
CA SER B 91 10.72 -10.35 -4.39
C SER B 91 10.65 -8.93 -3.80
N ALA B 92 9.87 -8.04 -4.43
CA ALA B 92 9.82 -6.65 -4.01
C ALA B 92 8.89 -5.88 -4.94
N VAL B 93 8.73 -4.58 -4.68
CA VAL B 93 8.00 -3.69 -5.56
C VAL B 93 9.02 -2.84 -6.31
N TYR B 94 8.93 -2.84 -7.63
CA TYR B 94 9.83 -2.08 -8.49
C TYR B 94 9.11 -0.88 -9.08
N TYR B 95 9.70 0.30 -8.90
CA TYR B 95 9.17 1.56 -9.45
C TYR B 95 10.05 2.08 -10.58
N CYS B 96 9.42 2.69 -11.57
CA CYS B 96 10.14 3.57 -12.47
C CYS B 96 9.79 5.02 -12.12
N ALA B 97 10.72 5.91 -12.43
CA ALA B 97 10.57 7.31 -12.10
C ALA B 97 11.27 8.16 -13.15
N ARG B 98 10.64 9.27 -13.51
CA ARG B 98 11.25 10.25 -14.40
C ARG B 98 12.01 11.26 -13.57
N GLU B 99 13.26 11.55 -13.95
CA GLU B 99 14.01 12.66 -13.38
C GLU B 99 13.67 13.92 -14.18
N GLY B 100 12.81 14.77 -13.61
CA GLY B 100 12.37 15.97 -14.27
C GLY B 100 13.12 17.20 -13.81
N HIS B 101 12.63 18.36 -14.24
CA HIS B 101 13.31 19.60 -13.94
C HIS B 101 12.29 20.66 -13.56
N TRP B 102 12.68 21.51 -12.62
CA TRP B 102 11.82 22.59 -12.16
C TRP B 102 12.69 23.76 -11.73
N ASP B 103 12.45 24.95 -12.31
CA ASP B 103 13.18 26.14 -11.89
C ASP B 103 14.69 25.87 -11.89
N GLY B 104 15.15 25.06 -12.86
CA GLY B 104 16.55 24.89 -13.15
C GLY B 104 17.27 23.81 -12.36
N ASP B 105 16.54 22.95 -11.65
CA ASP B 105 17.12 21.87 -10.87
C ASP B 105 16.45 20.54 -11.27
N TRP B 106 17.08 19.41 -10.93
CA TRP B 106 16.64 18.09 -11.34
C TRP B 106 16.36 17.24 -10.12
N TYR B 107 15.27 16.45 -10.15
CA TYR B 107 14.85 15.51 -9.10
C TYR B 107 13.72 14.64 -9.63
N PHE B 108 13.46 13.53 -8.94
CA PHE B 108 12.42 12.60 -9.39
C PHE B 108 11.05 13.25 -9.17
N ASP B 109 10.29 13.49 -10.26
CA ASP B 109 9.06 14.27 -10.19
C ASP B 109 7.83 13.54 -10.73
N VAL B 110 7.99 12.35 -11.29
CA VAL B 110 6.87 11.48 -11.69
C VAL B 110 7.31 10.06 -11.45
N TRP B 111 6.48 9.30 -10.75
CA TRP B 111 6.73 7.90 -10.43
C TRP B 111 5.59 7.06 -11.00
N GLY B 112 5.95 5.89 -11.55
CA GLY B 112 4.97 4.84 -11.81
C GLY B 112 4.38 4.30 -10.51
N ALA B 113 3.37 3.45 -10.61
CA ALA B 113 2.69 2.98 -9.40
C ALA B 113 3.31 1.74 -8.78
N GLY B 114 4.35 1.16 -9.40
CA GLY B 114 4.95 -0.03 -8.78
C GLY B 114 4.53 -1.31 -9.46
N THR B 115 5.45 -2.25 -9.63
CA THR B 115 5.15 -3.61 -10.10
C THR B 115 5.62 -4.57 -9.01
N THR B 116 4.69 -5.36 -8.44
CA THR B 116 5.05 -6.39 -7.45
C THR B 116 5.53 -7.66 -8.12
N VAL B 117 6.76 -8.05 -7.79
CA VAL B 117 7.33 -9.30 -8.26
C VAL B 117 7.44 -10.24 -7.08
N THR B 118 6.88 -11.43 -7.22
CA THR B 118 6.99 -12.50 -6.23
C THR B 118 7.79 -13.65 -6.85
N VAL B 119 8.89 -14.04 -6.23
CA VAL B 119 9.68 -15.17 -6.74
C VAL B 119 9.30 -16.41 -5.94
N SER B 120 8.79 -17.42 -6.62
CA SER B 120 8.21 -18.60 -6.00
C SER B 120 8.08 -19.71 -7.04
N SER B 121 8.38 -20.96 -6.62
CA SER B 121 8.11 -22.11 -7.46
C SER B 121 6.65 -22.56 -7.41
N ALA B 122 5.84 -22.00 -6.50
CA ALA B 122 4.43 -22.33 -6.44
C ALA B 122 3.73 -21.78 -7.68
N SER B 123 2.58 -22.37 -8.00
CA SER B 123 1.78 -21.94 -9.13
C SER B 123 0.77 -20.87 -8.73
N THR B 124 0.46 -20.01 -9.68
CA THR B 124 -0.56 -19.01 -9.46
C THR B 124 -1.93 -19.68 -9.36
N LYS B 125 -2.84 -19.01 -8.64
CA LYS B 125 -4.17 -19.51 -8.33
C LYS B 125 -5.09 -18.31 -8.11
N GLY B 126 -6.20 -18.24 -8.86
CA GLY B 126 -7.15 -17.16 -8.75
C GLY B 126 -8.09 -17.30 -7.55
N PRO B 127 -8.67 -16.19 -7.11
CA PRO B 127 -9.46 -16.19 -5.86
C PRO B 127 -10.91 -16.63 -6.10
N SER B 128 -11.55 -17.07 -5.02
CA SER B 128 -13.00 -17.18 -4.95
CA SER B 128 -13.00 -17.18 -4.94
C SER B 128 -13.54 -15.92 -4.31
N VAL B 129 -14.67 -15.38 -4.81
CA VAL B 129 -15.24 -14.12 -4.32
C VAL B 129 -16.66 -14.38 -3.80
N PHE B 130 -16.94 -13.97 -2.58
CA PHE B 130 -18.20 -14.18 -1.87
C PHE B 130 -18.74 -12.86 -1.34
N PRO B 131 -20.06 -12.60 -1.38
CA PRO B 131 -20.57 -11.33 -0.86
C PRO B 131 -20.57 -11.32 0.66
N LEU B 132 -20.32 -10.16 1.22
CA LEU B 132 -20.61 -9.88 2.63
C LEU B 132 -21.84 -8.98 2.58
N ALA B 133 -23.03 -9.59 2.72
CA ALA B 133 -24.32 -8.87 2.49
C ALA B 133 -24.63 -7.94 3.67
N PRO B 134 -25.19 -6.76 3.41
CA PRO B 134 -25.66 -5.93 4.52
C PRO B 134 -26.91 -6.55 5.14
N SER B 135 -27.10 -6.35 6.43
CA SER B 135 -28.33 -6.78 7.11
C SER B 135 -28.43 -6.01 8.41
N SER B 136 -29.42 -6.35 9.26
CA SER B 136 -29.60 -5.66 10.55
C SER B 136 -28.38 -5.83 11.47
N LYS B 137 -27.51 -6.81 11.20
CA LYS B 137 -26.30 -7.03 12.00
C LYS B 137 -25.07 -6.23 11.50
N SER B 138 -25.28 -5.40 10.48
CA SER B 138 -24.26 -4.58 9.84
C SER B 138 -24.79 -3.19 9.56
N THR B 139 -25.66 -2.67 10.47
CA THR B 139 -26.19 -1.31 10.49
C THR B 139 -25.70 -0.58 11.74
N SER B 140 -25.39 0.72 11.60
CA SER B 140 -25.16 1.61 12.75
C SER B 140 -25.39 3.05 12.33
N GLY B 141 -26.18 3.76 13.11
CA GLY B 141 -26.27 5.19 12.85
C GLY B 141 -26.93 5.53 11.52
N GLY B 142 -27.81 4.65 11.04
CA GLY B 142 -28.43 4.81 9.73
C GLY B 142 -27.52 4.50 8.57
N THR B 143 -26.38 3.87 8.82
CA THR B 143 -25.53 3.45 7.73
C THR B 143 -25.43 1.92 7.73
N ALA B 144 -25.09 1.36 6.56
CA ALA B 144 -24.92 -0.07 6.38
C ALA B 144 -23.53 -0.32 5.85
N ALA B 145 -22.89 -1.37 6.37
CA ALA B 145 -21.64 -1.91 5.83
C ALA B 145 -21.90 -3.15 5.00
N LEU B 146 -21.17 -3.27 3.90
CA LEU B 146 -21.27 -4.44 3.03
C LEU B 146 -19.87 -4.64 2.44
N GLY B 147 -19.68 -5.74 1.71
CA GLY B 147 -18.34 -6.04 1.19
C GLY B 147 -18.25 -7.32 0.38
N CYS B 148 -16.99 -7.73 0.09
CA CYS B 148 -16.66 -8.95 -0.62
C CYS B 148 -15.49 -9.63 0.08
N LEU B 149 -15.60 -10.95 0.27
CA LEU B 149 -14.50 -11.83 0.71
C LEU B 149 -13.78 -12.41 -0.51
N VAL B 150 -12.48 -12.17 -0.59
CA VAL B 150 -11.66 -12.54 -1.73
C VAL B 150 -10.70 -13.61 -1.20
N LYS B 151 -11.01 -14.89 -1.44
CA LYS B 151 -10.39 -15.98 -0.67
C LYS B 151 -9.48 -16.85 -1.53
N ASP B 152 -8.33 -17.25 -0.97
CA ASP B 152 -7.52 -18.35 -1.51
C ASP B 152 -6.89 -18.04 -2.86
N TYR B 153 -6.04 -17.01 -2.95
CA TYR B 153 -5.30 -16.71 -4.15
C TYR B 153 -3.81 -16.71 -3.88
N PHE B 154 -3.02 -16.82 -4.97
CA PHE B 154 -1.55 -16.71 -4.93
C PHE B 154 -1.02 -16.20 -6.26
N PRO B 155 -0.02 -15.27 -6.27
CA PRO B 155 0.53 -14.52 -5.13
C PRO B 155 -0.27 -13.24 -4.90
N GLU B 156 0.25 -12.34 -4.07
CA GLU B 156 -0.21 -10.95 -4.01
C GLU B 156 0.22 -10.24 -5.29
N PRO B 157 -0.44 -9.15 -5.67
CA PRO B 157 -1.59 -8.53 -5.01
C PRO B 157 -2.86 -8.84 -5.81
N VAL B 158 -4.01 -8.70 -5.20
CA VAL B 158 -5.27 -8.70 -5.91
C VAL B 158 -5.81 -7.28 -5.87
N THR B 159 -6.43 -6.85 -6.95
CA THR B 159 -6.98 -5.52 -7.09
C THR B 159 -8.48 -5.58 -6.79
N VAL B 160 -8.97 -4.73 -5.89
CA VAL B 160 -10.41 -4.60 -5.64
C VAL B 160 -10.84 -3.17 -5.90
N SER B 161 -11.89 -3.00 -6.67
CA SER B 161 -12.54 -1.70 -6.86
C SER B 161 -14.04 -1.92 -6.68
N TRP B 162 -14.80 -0.82 -6.58
CA TRP B 162 -16.22 -0.90 -6.31
C TRP B 162 -16.94 -0.06 -7.37
N ASN B 163 -18.01 -0.60 -7.97
CA ASN B 163 -18.75 0.09 -9.03
C ASN B 163 -17.81 0.64 -10.10
N SER B 164 -16.88 -0.21 -10.51
CA SER B 164 -15.93 0.07 -11.59
C SER B 164 -15.09 1.31 -11.32
N GLY B 165 -14.83 1.62 -10.05
CA GLY B 165 -13.98 2.73 -9.70
C GLY B 165 -14.74 3.97 -9.29
N ALA B 166 -16.07 3.94 -9.36
CA ALA B 166 -16.90 5.10 -9.07
C ALA B 166 -17.19 5.23 -7.60
N LEU B 167 -16.97 4.17 -6.85
CA LEU B 167 -17.32 4.19 -5.43
C LEU B 167 -16.01 3.99 -4.72
N THR B 168 -15.47 5.05 -4.13
CA THR B 168 -14.22 4.99 -3.39
C THR B 168 -14.35 5.47 -1.95
N SER B 169 -15.28 6.37 -1.67
CA SER B 169 -15.39 6.96 -0.34
C SER B 169 -15.82 5.86 0.65
N GLY B 170 -15.13 5.76 1.77
CA GLY B 170 -15.54 4.81 2.77
C GLY B 170 -15.20 3.36 2.48
N VAL B 171 -14.39 3.06 1.43
CA VAL B 171 -13.99 1.69 1.15
C VAL B 171 -12.79 1.33 2.03
N HIS B 172 -12.75 0.13 2.61
CA HIS B 172 -11.52 -0.36 3.24
C HIS B 172 -11.21 -1.72 2.62
N THR B 173 -10.09 -1.83 1.92
CA THR B 173 -9.63 -3.12 1.40
C THR B 173 -8.47 -3.57 2.28
N PHE B 174 -8.67 -4.64 3.07
CA PHE B 174 -7.75 -4.92 4.16
C PHE B 174 -6.48 -5.58 3.63
N PRO B 175 -5.37 -5.43 4.32
CA PRO B 175 -4.19 -6.25 4.00
C PRO B 175 -4.57 -7.73 3.95
N ALA B 176 -4.00 -8.43 2.98
CA ALA B 176 -4.20 -9.88 2.94
C ALA B 176 -3.64 -10.56 4.18
N VAL B 177 -4.28 -11.67 4.54
CA VAL B 177 -3.71 -12.54 5.55
C VAL B 177 -3.22 -13.79 4.82
N LEU B 178 -2.18 -14.41 5.39
CA LEU B 178 -1.60 -15.63 4.88
C LEU B 178 -2.24 -16.79 5.65
N GLN B 179 -2.89 -17.68 4.91
CA GLN B 179 -3.57 -18.82 5.50
C GLN B 179 -2.55 -19.95 5.63
N SER B 180 -2.85 -20.90 6.53
CA SER B 180 -1.99 -22.07 6.74
C SER B 180 -1.68 -22.77 5.42
N SER B 181 -2.61 -22.74 4.46
CA SER B 181 -2.36 -23.35 3.17
C SER B 181 -1.26 -22.67 2.36
N GLY B 182 -0.74 -21.52 2.80
CA GLY B 182 0.13 -20.77 1.95
C GLY B 182 -0.61 -19.89 0.95
N LEU B 183 -1.94 -19.93 0.93
CA LEU B 183 -2.74 -19.00 0.14
C LEU B 183 -3.20 -17.75 0.94
N TYR B 184 -3.49 -16.67 0.21
CA TYR B 184 -3.89 -15.40 0.78
C TYR B 184 -5.41 -15.29 0.80
N SER B 185 -5.92 -14.50 1.74
CA SER B 185 -7.31 -13.98 1.67
C SER B 185 -7.38 -12.56 2.17
N LEU B 186 -8.36 -11.83 1.63
CA LEU B 186 -8.66 -10.50 2.12
C LEU B 186 -10.15 -10.23 2.00
N SER B 187 -10.64 -9.17 2.74
CA SER B 187 -11.96 -8.59 2.52
CA SER B 187 -11.96 -8.59 2.51
C SER B 187 -11.84 -7.11 2.15
N SER B 188 -12.81 -6.67 1.36
CA SER B 188 -12.98 -5.25 1.07
C SER B 188 -14.41 -4.92 1.47
N VAL B 189 -14.56 -3.83 2.27
CA VAL B 189 -15.85 -3.38 2.79
C VAL B 189 -16.07 -1.91 2.44
N VAL B 190 -17.34 -1.53 2.40
CA VAL B 190 -17.73 -0.14 2.24
C VAL B 190 -18.93 0.14 3.15
N THR B 191 -19.00 1.35 3.64
CA THR B 191 -20.18 1.81 4.38
CA THR B 191 -20.16 1.83 4.41
C THR B 191 -20.98 2.76 3.51
N VAL B 192 -22.30 2.56 3.50
CA VAL B 192 -23.22 3.31 2.62
C VAL B 192 -24.47 3.74 3.39
N PRO B 193 -25.32 4.64 2.84
CA PRO B 193 -26.58 4.99 3.52
C PRO B 193 -27.40 3.73 3.58
N SER B 194 -28.03 3.47 4.72
CA SER B 194 -28.94 2.33 4.70
C SER B 194 -30.21 2.66 3.92
N SER B 195 -30.56 3.95 3.78
CA SER B 195 -31.82 4.33 3.15
C SER B 195 -31.82 4.03 1.64
N SER B 196 -30.66 3.91 1.04
CA SER B 196 -30.50 3.79 -0.41
C SER B 196 -30.22 2.33 -0.85
N LEU B 197 -30.29 1.36 0.06
CA LEU B 197 -30.04 -0.02 -0.35
C LEU B 197 -31.06 -0.51 -1.37
N GLY B 198 -32.25 0.09 -1.41
CA GLY B 198 -33.23 -0.30 -2.41
C GLY B 198 -33.07 0.34 -3.77
N THR B 199 -32.18 1.33 -3.94
CA THR B 199 -31.98 1.99 -5.23
C THR B 199 -30.58 1.90 -5.80
N GLN B 200 -29.55 1.84 -4.97
CA GLN B 200 -28.17 1.83 -5.45
C GLN B 200 -27.75 0.39 -5.65
N THR B 201 -26.85 0.16 -6.60
CA THR B 201 -26.29 -1.16 -6.86
C THR B 201 -24.81 -1.14 -6.47
N TYR B 202 -24.39 -2.14 -5.71
CA TYR B 202 -23.01 -2.21 -5.23
C TYR B 202 -22.34 -3.48 -5.76
N ILE B 203 -21.29 -3.30 -6.58
CA ILE B 203 -20.60 -4.37 -7.26
C ILE B 203 -19.10 -4.28 -6.88
N CYS B 204 -18.55 -5.33 -6.33
CA CYS B 204 -17.10 -5.35 -6.09
C CYS B 204 -16.45 -5.97 -7.31
N ASN B 205 -15.44 -5.28 -7.89
CA ASN B 205 -14.70 -5.77 -9.05
C ASN B 205 -13.32 -6.30 -8.59
N VAL B 206 -13.04 -7.56 -8.84
CA VAL B 206 -11.84 -8.24 -8.32
C VAL B 206 -11.01 -8.63 -9.52
N ASN B 207 -9.75 -8.17 -9.56
CA ASN B 207 -8.86 -8.51 -10.68
C ASN B 207 -7.57 -9.08 -10.09
N HIS B 208 -7.32 -10.38 -10.29
CA HIS B 208 -6.08 -11.00 -9.81
C HIS B 208 -5.25 -11.27 -11.06
N LYS B 209 -4.47 -10.26 -11.44
CA LYS B 209 -3.74 -10.34 -12.71
C LYS B 209 -2.80 -11.53 -12.82
N PRO B 210 -2.05 -11.94 -11.77
CA PRO B 210 -1.12 -13.06 -11.97
C PRO B 210 -1.78 -14.29 -12.60
N SER B 211 -3.04 -14.58 -12.29
CA SER B 211 -3.73 -15.74 -12.85
C SER B 211 -4.71 -15.35 -13.96
N ASN B 212 -4.84 -14.05 -14.26
CA ASN B 212 -5.78 -13.57 -15.25
C ASN B 212 -7.19 -13.98 -14.84
N THR B 213 -7.54 -13.70 -13.59
CA THR B 213 -8.85 -13.96 -13.01
C THR B 213 -9.59 -12.64 -12.73
N LYS B 214 -10.80 -12.48 -13.27
CA LYS B 214 -11.57 -11.26 -13.01
C LYS B 214 -12.98 -11.65 -12.59
N VAL B 215 -13.45 -11.09 -11.47
CA VAL B 215 -14.77 -11.43 -10.93
C VAL B 215 -15.46 -10.12 -10.55
N ASP B 216 -16.73 -10.00 -10.92
CA ASP B 216 -17.61 -8.95 -10.46
C ASP B 216 -18.73 -9.63 -9.67
N LYS B 217 -18.95 -9.19 -8.43
CA LYS B 217 -19.96 -9.77 -7.54
C LYS B 217 -20.87 -8.62 -7.11
N LYS B 218 -22.15 -8.70 -7.47
CA LYS B 218 -23.12 -7.75 -6.95
C LYS B 218 -23.48 -8.13 -5.52
N VAL B 219 -23.47 -7.17 -4.60
CA VAL B 219 -23.64 -7.49 -3.19
C VAL B 219 -25.00 -6.96 -2.78
N GLU B 220 -25.91 -7.85 -2.44
CA GLU B 220 -27.27 -7.39 -2.13
C GLU B 220 -27.67 -7.78 -0.73
N PRO B 221 -28.65 -7.09 -0.13
CA PRO B 221 -29.22 -7.55 1.14
C PRO B 221 -29.76 -8.95 1.03
N LYS B 222 -29.67 -9.68 2.13
CA LYS B 222 -30.34 -10.97 2.17
C LYS B 222 -31.85 -10.75 2.32
N SER B 223 -32.63 -11.61 1.67
CA SER B 223 -34.09 -11.46 1.59
C SER B 223 -34.78 -12.60 2.32
N GLY C 1 19.62 21.82 -24.01
CA GLY C 1 20.01 21.40 -25.35
C GLY C 1 19.29 20.12 -25.77
N ASP C 2 18.14 19.89 -25.10
CA ASP C 2 17.22 18.76 -25.25
C ASP C 2 17.75 17.44 -24.69
N ARG C 3 18.95 17.40 -24.14
CA ARG C 3 19.46 16.15 -23.58
C ARG C 3 19.15 16.07 -22.09
N ALA C 4 18.70 14.89 -21.66
CA ALA C 4 18.51 14.61 -20.25
C ALA C 4 19.71 15.07 -19.42
N ASP C 5 19.41 15.59 -18.24
CA ASP C 5 20.39 15.79 -17.20
C ASP C 5 19.78 15.32 -15.88
N GLY C 6 20.59 15.29 -14.84
CA GLY C 6 20.10 14.82 -13.55
C GLY C 6 21.18 14.92 -12.49
N GLN C 7 20.78 14.58 -11.25
CA GLN C 7 21.62 14.77 -10.09
C GLN C 7 22.87 13.88 -10.23
N PRO C 8 24.02 14.37 -9.77
CA PRO C 8 25.31 13.70 -10.10
C PRO C 8 25.44 12.25 -9.61
N ALA C 9 24.62 11.80 -8.67
CA ALA C 9 24.77 10.43 -8.18
C ALA C 9 24.25 9.38 -9.16
N GLY C 10 23.60 9.81 -10.26
CA GLY C 10 23.15 8.88 -11.27
C GLY C 10 24.26 8.37 -12.16
N ASP C 11 25.40 9.06 -12.18
CA ASP C 11 26.62 8.60 -12.85
C ASP C 11 27.77 9.53 -12.51
#